data_1UP2
#
_entry.id   1UP2
#
_cell.length_a   61.788
_cell.length_b   92.830
_cell.length_c   46.695
_cell.angle_alpha   90.00
_cell.angle_beta   90.00
_cell.angle_gamma   90.00
#
_symmetry.space_group_name_H-M   'P 21 21 2'
#
loop_
_entity.id
_entity.type
_entity.pdbx_description
1 polymer 'CELA1 PROTEIN'
2 non-polymer 5-HYDROXYMETHYL-3,4-DIHYDROXYPIPERIDINE
3 non-polymer beta-D-glucopyranose
4 non-polymer 'SULFATE ION'
5 non-polymer 'ACETATE ION'
6 non-polymer 2-(2-{2-[2-(2-METHOXY-ETHOXY)-ETHOXY]-ETHOXY}-ETHOXY)-ETHANOL
7 water water
#
_entity_poly.entity_id   1
_entity_poly.type   'polypeptide(L)'
_entity_poly.pdbx_seq_one_letter_code
;MANPLAGKPFYVDPASAA(MHO)VAARNANPPNAELTSVANTPQSYWLDQAFPPATVGGTVARYTGAAQAAGAMPVLTLY
GIPHRDCGSYASGGFATGTDYRGWIDAVASGLGSSPATIIVEPDALA(MHO)ADCLSPDQRQERFDLVRYAVDTLTRDPA
AAVYVDAGHSRWLSAEAMAARLNDVGVGRARGFSLNVSNFYTTDEEIGYGEAISGLTNGSHYVIDTSRNGAGPAPDAPLN
WCNPSGRALGAPPTTATAGAHADAYLWIKRPGESDGTCGRGEPQAGRFVSQYAIDLAHNAGQ
;
_entity_poly.pdbx_strand_id   A
#
# COMPACT_ATOMS: atom_id res chain seq x y z
N ALA A 2 -7.93 20.49 1.13
CA ALA A 2 -8.95 19.57 1.74
C ALA A 2 -8.48 18.12 1.62
N ASN A 3 -9.00 17.24 2.47
CA ASN A 3 -8.75 15.79 2.36
C ASN A 3 -9.38 15.20 1.10
N PRO A 4 -8.57 14.78 0.14
CA PRO A 4 -9.08 14.25 -1.12
C PRO A 4 -9.77 12.87 -0.96
N LEU A 5 -9.63 12.22 0.20
CA LEU A 5 -10.21 10.90 0.40
C LEU A 5 -11.58 11.00 1.09
N ALA A 6 -11.96 12.18 1.52
CA ALA A 6 -13.23 12.34 2.21
C ALA A 6 -14.30 12.47 1.14
N GLY A 7 -15.48 11.94 1.39
CA GLY A 7 -16.60 12.22 0.47
C GLY A 7 -17.12 11.13 -0.46
N LYS A 8 -16.38 10.04 -0.64
CA LYS A 8 -16.97 8.82 -1.19
C LYS A 8 -16.38 7.62 -0.52
N PRO A 9 -17.12 6.52 -0.52
CA PRO A 9 -16.62 5.30 0.08
C PRO A 9 -15.45 4.77 -0.75
N PHE A 10 -14.58 4.00 -0.13
CA PHE A 10 -13.48 3.36 -0.82
C PHE A 10 -14.06 2.18 -1.56
N TYR A 11 -13.52 1.94 -2.74
CA TYR A 11 -13.99 0.90 -3.64
C TYR A 11 -13.72 -0.52 -3.10
N VAL A 12 -14.75 -1.36 -3.10
CA VAL A 12 -14.59 -2.76 -2.76
C VAL A 12 -14.29 -3.50 -4.07
N ASP A 13 -13.17 -4.17 -4.12
CA ASP A 13 -12.81 -4.96 -5.30
C ASP A 13 -13.67 -6.23 -5.41
N PRO A 14 -14.51 -6.35 -6.46
CA PRO A 14 -15.35 -7.53 -6.60
C PRO A 14 -14.59 -8.80 -6.96
N ALA A 15 -13.35 -8.69 -7.41
CA ALA A 15 -12.59 -9.84 -7.93
C ALA A 15 -11.40 -10.21 -7.05
N SER A 16 -11.35 -9.67 -5.84
CA SER A 16 -10.29 -10.02 -4.91
C SER A 16 -10.32 -11.51 -4.60
N ALA A 17 -9.17 -12.04 -4.20
CA ALA A 17 -9.08 -13.45 -3.81
C ALA A 17 -9.98 -13.70 -2.61
N ALA A 18 -10.09 -12.69 -1.73
CA ALA A 18 -10.99 -12.79 -0.61
C ALA A 18 -12.43 -12.93 -1.05
N VAL A 20 -13.47 -14.23 -3.93
CA VAL A 20 -13.55 -15.58 -4.50
C VAL A 20 -13.74 -16.62 -3.40
N ALA A 21 -12.91 -16.52 -2.35
CA ALA A 21 -12.97 -17.44 -1.24
C ALA A 21 -14.29 -17.34 -0.50
N ALA A 22 -14.77 -16.12 -0.27
CA ALA A 22 -16.03 -15.92 0.46
C ALA A 22 -17.23 -16.48 -0.30
N ARG A 23 -17.24 -16.27 -1.61
CA ARG A 23 -18.32 -16.78 -2.45
C ARG A 23 -18.28 -18.31 -2.56
N ASN A 24 -17.09 -18.90 -2.53
CA ASN A 24 -16.93 -20.37 -2.56
C ASN A 24 -17.16 -21.13 -1.25
N ALA A 25 -17.15 -20.42 -0.13
CA ALA A 25 -17.28 -21.07 1.17
C ALA A 25 -18.64 -21.76 1.26
N ASN A 26 -18.58 -23.05 1.61
CA ASN A 26 -19.78 -23.87 1.76
C ASN A 26 -19.64 -24.60 3.08
N PRO A 27 -20.35 -24.20 4.12
CA PRO A 27 -21.29 -23.09 4.13
C PRO A 27 -20.58 -21.75 4.18
N PRO A 28 -21.35 -20.66 4.01
CA PRO A 28 -20.76 -19.32 4.08
C PRO A 28 -20.05 -19.10 5.39
N ASN A 29 -18.89 -18.45 5.32
CA ASN A 29 -18.02 -18.23 6.43
C ASN A 29 -18.03 -16.74 6.79
N ALA A 30 -18.42 -16.41 8.02
CA ALA A 30 -18.54 -14.98 8.43
C ALA A 30 -17.23 -14.21 8.40
N GLU A 31 -16.12 -14.88 8.66
CA GLU A 31 -14.82 -14.21 8.65
C GLU A 31 -14.41 -13.89 7.20
N LEU A 32 -14.55 -14.83 6.27
CA LEU A 32 -14.17 -14.51 4.88
C LEU A 32 -15.05 -13.43 4.30
N THR A 33 -16.35 -13.48 4.66
CA THR A 33 -17.28 -12.50 4.15
C THR A 33 -16.93 -11.09 4.65
N SER A 34 -16.61 -10.96 5.93
CA SER A 34 -16.26 -9.67 6.49
C SER A 34 -15.07 -9.06 5.75
N VAL A 35 -14.04 -9.88 5.56
CA VAL A 35 -12.81 -9.42 4.90
C VAL A 35 -13.10 -9.06 3.45
N ALA A 36 -13.79 -9.95 2.73
CA ALA A 36 -14.08 -9.75 1.32
C ALA A 36 -14.85 -8.48 1.03
N ASN A 37 -15.66 -8.05 2.00
CA ASN A 37 -16.56 -6.91 1.84
C ASN A 37 -15.93 -5.59 2.27
N THR A 38 -14.66 -5.62 2.65
CA THR A 38 -13.97 -4.44 3.14
C THR A 38 -13.10 -3.92 2.00
N PRO A 39 -13.14 -2.63 1.74
CA PRO A 39 -12.31 -2.07 0.65
C PRO A 39 -10.81 -2.24 0.93
N GLN A 40 -10.09 -2.73 -0.07
CA GLN A 40 -8.63 -2.95 0.01
C GLN A 40 -7.95 -2.49 -1.29
N SER A 41 -6.67 -2.14 -1.19
CA SER A 41 -5.96 -1.66 -2.37
C SER A 41 -5.68 -2.78 -3.35
N TYR A 42 -5.60 -2.39 -4.62
CA TYR A 42 -5.43 -3.29 -5.75
C TYR A 42 -3.96 -3.13 -6.23
N TRP A 43 -3.18 -4.19 -6.11
CA TRP A 43 -1.74 -4.13 -6.33
C TRP A 43 -1.37 -4.42 -7.79
N LEU A 44 -0.52 -3.57 -8.36
CA LEU A 44 0.00 -3.79 -9.69
C LEU A 44 1.51 -3.91 -9.65
N ASP A 45 2.03 -4.85 -10.43
CA ASP A 45 3.47 -5.00 -10.54
C ASP A 45 3.87 -5.37 -11.94
N GLN A 46 5.03 -6.01 -12.10
CA GLN A 46 5.55 -6.38 -13.40
C GLN A 46 4.76 -7.43 -14.21
N ALA A 47 3.82 -8.10 -13.59
CA ALA A 47 2.87 -8.93 -14.31
C ALA A 47 1.95 -8.09 -15.24
N PHE A 48 1.93 -6.76 -15.03
CA PHE A 48 1.17 -5.83 -15.86
C PHE A 48 2.13 -4.97 -16.61
N PRO A 49 2.47 -5.37 -17.85
CA PRO A 49 3.54 -4.67 -18.56
C PRO A 49 3.15 -3.29 -18.99
N PRO A 50 4.12 -2.40 -19.28
CA PRO A 50 3.78 -1.08 -19.77
C PRO A 50 2.80 -1.06 -20.96
N ALA A 51 2.90 -2.06 -21.83
CA ALA A 51 2.10 -2.10 -23.01
C ALA A 51 0.61 -2.17 -22.71
N THR A 52 0.22 -2.75 -21.58
CA THR A 52 -1.20 -2.98 -21.30
C THR A 52 -1.72 -2.46 -19.96
N VAL A 53 -0.83 -2.04 -19.06
CA VAL A 53 -1.30 -1.63 -17.72
C VAL A 53 -2.21 -0.40 -17.72
N GLY A 54 -2.06 0.48 -18.69
CA GLY A 54 -2.92 1.61 -18.88
C GLY A 54 -4.38 1.18 -18.94
N GLY A 55 -4.67 0.19 -19.76
CA GLY A 55 -6.04 -0.33 -19.88
C GLY A 55 -6.54 -0.95 -18.61
N THR A 56 -5.68 -1.71 -17.94
CA THR A 56 -6.00 -2.30 -16.65
C THR A 56 -6.37 -1.24 -15.62
N VAL A 57 -5.56 -0.19 -15.54
CA VAL A 57 -5.82 0.93 -14.66
C VAL A 57 -7.11 1.65 -15.04
N ALA A 58 -7.31 1.99 -16.33
CA ALA A 58 -8.57 2.64 -16.75
C ALA A 58 -9.80 1.81 -16.39
N ARG A 59 -9.70 0.50 -16.54
CA ARG A 59 -10.79 -0.41 -16.20
C ARG A 59 -11.15 -0.31 -14.71
N TYR A 60 -10.15 -0.32 -13.86
CA TYR A 60 -10.38 -0.38 -12.42
C TYR A 60 -10.89 0.96 -11.92
N THR A 61 -10.31 2.08 -12.38
CA THR A 61 -10.80 3.38 -11.93
C THR A 61 -12.16 3.70 -12.51
N GLY A 62 -12.42 3.22 -13.73
CA GLY A 62 -13.72 3.37 -14.35
C GLY A 62 -14.79 2.58 -13.60
N ALA A 63 -14.44 1.35 -13.22
CA ALA A 63 -15.36 0.55 -12.43
C ALA A 63 -15.63 1.18 -11.06
N ALA A 64 -14.59 1.74 -10.43
CA ALA A 64 -14.78 2.37 -9.14
C ALA A 64 -15.71 3.59 -9.25
N GLN A 65 -15.53 4.37 -10.31
CA GLN A 65 -16.36 5.53 -10.58
C GLN A 65 -17.82 5.12 -10.81
N ALA A 66 -18.03 4.01 -11.52
CA ALA A 66 -19.37 3.43 -11.75
C ALA A 66 -20.02 2.96 -10.44
N ALA A 67 -19.21 2.68 -9.43
CA ALA A 67 -19.70 2.35 -8.10
C ALA A 67 -19.80 3.54 -7.17
N GLY A 68 -19.45 4.73 -7.66
CA GLY A 68 -19.44 5.93 -6.85
C GLY A 68 -18.44 5.90 -5.71
N ALA A 69 -17.28 5.29 -5.97
CA ALA A 69 -16.31 4.95 -4.93
C ALA A 69 -14.91 5.35 -5.37
N MET A 70 -14.03 5.48 -4.38
CA MET A 70 -12.64 5.85 -4.62
C MET A 70 -11.79 4.59 -4.70
N PRO A 71 -11.16 4.33 -5.84
CA PRO A 71 -10.29 3.17 -5.93
C PRO A 71 -8.94 3.47 -5.28
N VAL A 72 -8.36 2.47 -4.64
CA VAL A 72 -6.99 2.56 -4.13
C VAL A 72 -6.15 1.52 -4.87
N LEU A 73 -5.07 1.99 -5.48
CA LEU A 73 -4.14 1.14 -6.23
C LEU A 73 -2.79 1.25 -5.57
N THR A 74 -2.09 0.13 -5.50
CA THR A 74 -0.73 0.07 -4.99
C THR A 74 0.22 -0.32 -6.12
N LEU A 75 1.22 0.53 -6.32
CA LEU A 75 2.26 0.32 -7.31
C LEU A 75 3.43 -0.36 -6.65
N TYR A 76 3.75 -1.56 -7.13
CA TYR A 76 4.78 -2.41 -6.51
C TYR A 76 5.65 -3.06 -7.59
N GLY A 77 6.29 -2.22 -8.41
CA GLY A 77 7.08 -2.70 -9.52
C GLY A 77 8.54 -2.23 -9.54
N ILE A 78 9.04 -1.68 -8.44
CA ILE A 78 10.38 -1.05 -8.43
C ILE A 78 11.46 -2.07 -8.76
N PRO A 79 12.47 -1.67 -9.54
CA PRO A 79 13.58 -2.58 -9.77
C PRO A 79 14.22 -2.99 -8.46
N HIS A 80 14.69 -4.23 -8.43
CA HIS A 80 15.27 -4.86 -7.24
C HIS A 80 14.24 -4.87 -6.10
N ARG A 81 12.98 -5.12 -6.47
CA ARG A 81 11.90 -5.11 -5.50
C ARG A 81 12.19 -6.05 -4.35
N ASP A 82 11.87 -5.59 -3.13
CA ASP A 82 12.08 -6.34 -1.90
C ASP A 82 13.52 -6.79 -1.68
N CYS A 83 14.46 -6.13 -2.36
CA CYS A 83 15.89 -6.46 -2.28
C CYS A 83 16.18 -7.95 -2.54
N GLY A 84 15.41 -8.53 -3.47
CA GLY A 84 15.58 -9.92 -3.82
C GLY A 84 15.13 -10.93 -2.77
N SER A 85 14.32 -10.50 -1.79
CA SER A 85 13.87 -11.37 -0.72
C SER A 85 12.54 -12.10 -1.04
N TYR A 86 11.68 -12.32 -0.04
CA TYR A 86 10.45 -13.13 -0.24
C TYR A 86 9.54 -12.61 -1.33
N ALA A 87 9.56 -11.30 -1.54
CA ALA A 87 8.70 -10.68 -2.57
C ALA A 87 9.51 -10.14 -3.73
N SER A 88 10.56 -10.86 -4.10
CA SER A 88 11.43 -10.45 -5.18
C SER A 88 10.60 -10.27 -6.46
N GLY A 89 11.01 -9.32 -7.29
CA GLY A 89 10.32 -9.04 -8.54
C GLY A 89 10.60 -7.62 -8.97
N GLY A 90 9.56 -6.92 -9.42
CA GLY A 90 9.70 -5.63 -10.07
C GLY A 90 10.29 -5.68 -11.47
N PHE A 91 10.32 -4.52 -12.12
CA PHE A 91 10.86 -4.41 -13.48
C PHE A 91 12.38 -4.55 -13.48
N ALA A 92 12.95 -4.94 -14.63
CA ALA A 92 14.38 -5.24 -14.70
C ALA A 92 15.21 -3.96 -14.59
N THR A 93 14.72 -2.89 -15.22
CA THR A 93 15.48 -1.65 -15.29
C THR A 93 14.65 -0.41 -15.01
N GLY A 94 15.36 0.68 -14.77
CA GLY A 94 14.76 1.98 -14.53
C GLY A 94 14.04 2.45 -15.80
N THR A 95 14.58 2.14 -16.99
CA THR A 95 13.89 2.50 -18.24
C THR A 95 12.52 1.82 -18.31
N ASP A 96 12.46 0.54 -17.97
CA ASP A 96 11.20 -0.21 -17.98
C ASP A 96 10.24 0.44 -16.99
N TYR A 97 10.75 0.72 -15.79
CA TYR A 97 9.91 1.30 -14.74
C TYR A 97 9.28 2.64 -15.19
N ARG A 98 10.08 3.50 -15.81
CA ARG A 98 9.59 4.78 -16.27
C ARG A 98 8.50 4.58 -17.31
N GLY A 99 8.66 3.59 -18.19
CA GLY A 99 7.65 3.31 -19.20
C GLY A 99 6.33 2.83 -18.59
N TRP A 100 6.48 2.06 -17.50
CA TRP A 100 5.37 1.55 -16.73
C TRP A 100 4.60 2.66 -16.05
N ILE A 101 5.32 3.59 -15.41
CA ILE A 101 4.68 4.73 -14.78
C ILE A 101 3.92 5.56 -15.83
N ASP A 102 4.54 5.81 -16.99
CA ASP A 102 3.85 6.54 -18.05
C ASP A 102 2.51 5.89 -18.43
N ALA A 103 2.52 4.57 -18.57
CA ALA A 103 1.30 3.85 -18.93
C ALA A 103 0.28 3.91 -17.82
N VAL A 104 0.71 3.77 -16.56
CA VAL A 104 -0.24 3.93 -15.45
C VAL A 104 -0.90 5.30 -15.49
N ALA A 105 -0.11 6.36 -15.72
CA ALA A 105 -0.64 7.72 -15.74
C ALA A 105 -1.63 7.93 -16.91
N SER A 106 -1.31 7.36 -18.06
CA SER A 106 -2.21 7.34 -19.20
C SER A 106 -3.57 6.67 -18.90
N GLY A 107 -3.55 5.55 -18.20
CA GLY A 107 -4.78 4.92 -17.79
C GLY A 107 -5.53 5.71 -16.71
N LEU A 108 -4.82 6.45 -15.85
CA LEU A 108 -5.49 7.31 -14.85
C LEU A 108 -6.27 8.46 -15.48
N GLY A 109 -5.69 9.08 -16.52
CA GLY A 109 -6.27 10.25 -17.15
C GLY A 109 -6.55 11.31 -16.13
N SER A 110 -7.83 11.69 -16.01
CA SER A 110 -8.29 12.69 -15.07
CA SER A 110 -8.21 12.66 -14.98
C SER A 110 -9.18 12.02 -14.00
N SER A 111 -9.12 10.68 -13.88
CA SER A 111 -10.07 9.95 -13.05
CA SER A 111 -10.06 9.93 -13.05
C SER A 111 -9.61 9.94 -11.59
N PRO A 112 -10.58 9.86 -10.66
CA PRO A 112 -10.26 9.78 -9.22
C PRO A 112 -9.54 8.49 -8.92
N ALA A 113 -8.49 8.58 -8.12
CA ALA A 113 -7.74 7.43 -7.66
C ALA A 113 -6.86 7.79 -6.49
N THR A 114 -6.59 6.80 -5.68
CA THR A 114 -5.65 6.93 -4.58
C THR A 114 -4.50 6.01 -4.93
N ILE A 115 -3.26 6.50 -4.95
CA ILE A 115 -2.11 5.71 -5.35
C ILE A 115 -1.12 5.59 -4.23
N ILE A 116 -0.83 4.35 -3.84
CA ILE A 116 0.24 4.07 -2.87
C ILE A 116 1.49 3.72 -3.69
N VAL A 117 2.51 4.59 -3.64
CA VAL A 117 3.70 4.41 -4.45
C VAL A 117 4.79 3.61 -3.74
N GLU A 118 4.95 2.36 -4.19
CA GLU A 118 6.07 1.49 -3.86
C GLU A 118 6.35 1.22 -2.38
N PRO A 119 5.50 0.41 -1.77
CA PRO A 119 5.74 -0.12 -0.43
C PRO A 119 7.20 -0.55 -0.30
N ASP A 120 7.87 -0.04 0.73
CA ASP A 120 9.20 -0.44 1.15
C ASP A 120 10.34 0.19 0.34
N ALA A 121 10.07 0.77 -0.84
CA ALA A 121 11.18 1.19 -1.71
C ALA A 121 12.14 2.17 -1.03
N LEU A 122 11.62 3.25 -0.48
CA LEU A 122 12.48 4.21 0.17
C LEU A 122 13.06 3.64 1.47
N ALA A 123 12.27 2.84 2.20
CA ALA A 123 12.67 2.43 3.55
C ALA A 123 13.74 1.35 3.50
N ALA A 125 15.87 0.89 0.87
CA ALA A 125 16.81 1.25 -0.21
C ALA A 125 18.29 1.03 0.09
N ASP A 126 18.68 0.98 1.37
CA ASP A 126 20.07 0.79 1.75
C ASP A 126 20.65 -0.58 1.39
N CYS A 127 19.83 -1.52 0.96
CA CYS A 127 20.36 -2.77 0.40
C CYS A 127 21.01 -2.58 -0.97
N LEU A 128 20.77 -1.43 -1.58
CA LEU A 128 21.36 -1.10 -2.87
C LEU A 128 22.68 -0.32 -2.68
N SER A 129 23.52 -0.36 -3.70
CA SER A 129 24.70 0.51 -3.76
C SER A 129 24.29 1.96 -3.76
N PRO A 130 25.18 2.88 -3.42
CA PRO A 130 24.84 4.31 -3.53
C PRO A 130 24.26 4.72 -4.91
N ASP A 131 24.83 4.22 -6.00
CA ASP A 131 24.35 4.58 -7.35
C ASP A 131 22.96 4.00 -7.60
N GLN A 132 22.77 2.73 -7.25
CA GLN A 132 21.45 2.11 -7.43
C GLN A 132 20.37 2.71 -6.50
N ARG A 133 20.77 3.15 -5.32
CA ARG A 133 19.89 3.85 -4.41
C ARG A 133 19.45 5.21 -4.96
N GLN A 134 20.37 5.94 -5.56
CA GLN A 134 20.02 7.21 -6.17
C GLN A 134 19.08 6.96 -7.35
N GLU A 135 19.36 5.95 -8.13
CA GLU A 135 18.50 5.58 -9.23
C GLU A 135 17.09 5.33 -8.71
N ARG A 136 17.01 4.60 -7.61
CA ARG A 136 15.71 4.28 -7.01
C ARG A 136 14.96 5.52 -6.58
N PHE A 137 15.64 6.43 -5.88
CA PHE A 137 15.02 7.69 -5.47
C PHE A 137 14.52 8.46 -6.70
N ASP A 138 15.32 8.47 -7.77
CA ASP A 138 14.94 9.16 -9.00
C ASP A 138 13.69 8.54 -9.65
N LEU A 139 13.59 7.22 -9.63
CA LEU A 139 12.37 6.54 -10.09
C LEU A 139 11.12 6.83 -9.25
N VAL A 140 11.25 6.90 -7.94
CA VAL A 140 10.12 7.25 -7.11
C VAL A 140 9.69 8.70 -7.35
N ARG A 141 10.66 9.58 -7.49
CA ARG A 141 10.39 10.96 -7.84
C ARG A 141 9.69 11.01 -9.22
N TYR A 142 10.12 10.19 -10.16
CA TYR A 142 9.52 10.14 -11.50
C TYR A 142 8.05 9.76 -11.35
N ALA A 143 7.76 8.81 -10.44
CA ALA A 143 6.39 8.38 -10.21
C ALA A 143 5.58 9.56 -9.69
N VAL A 144 6.11 10.30 -8.73
CA VAL A 144 5.38 11.44 -8.17
C VAL A 144 5.13 12.49 -9.26
N ASP A 145 6.19 12.82 -10.01
CA ASP A 145 6.10 13.87 -11.01
C ASP A 145 5.11 13.52 -12.13
N THR A 146 5.02 12.25 -12.47
CA THR A 146 4.22 11.80 -13.62
C THR A 146 2.78 11.49 -13.23
N LEU A 147 2.58 10.82 -12.09
CA LEU A 147 1.24 10.42 -11.68
C LEU A 147 0.37 11.62 -11.22
N THR A 148 1.00 12.63 -10.65
CA THR A 148 0.29 13.82 -10.17
C THR A 148 -0.27 14.68 -11.28
N ARG A 149 0.10 14.38 -12.51
CA ARG A 149 -0.58 15.02 -13.64
C ARG A 149 -2.07 14.66 -13.75
N ASP A 150 -2.51 13.57 -13.13
CA ASP A 150 -3.91 13.35 -12.92
C ASP A 150 -4.26 14.20 -11.71
N PRO A 151 -5.01 15.30 -11.88
CA PRO A 151 -5.29 16.18 -10.74
C PRO A 151 -6.09 15.45 -9.63
N ALA A 152 -6.86 14.45 -10.04
CA ALA A 152 -7.71 13.68 -9.13
C ALA A 152 -7.07 12.44 -8.53
N ALA A 153 -5.78 12.25 -8.80
CA ALA A 153 -5.01 11.20 -8.12
C ALA A 153 -4.43 11.75 -6.83
N ALA A 154 -4.76 11.08 -5.74
CA ALA A 154 -4.19 11.39 -4.45
C ALA A 154 -3.05 10.42 -4.25
N VAL A 155 -1.84 10.96 -4.26
CA VAL A 155 -0.63 10.14 -4.33
C VAL A 155 0.09 10.14 -3.00
N TYR A 156 0.37 8.96 -2.47
CA TYR A 156 1.08 8.80 -1.19
C TYR A 156 2.33 7.93 -1.43
N VAL A 157 3.49 8.52 -1.22
CA VAL A 157 4.74 7.80 -1.33
C VAL A 157 4.95 6.93 -0.10
N ASP A 158 5.28 5.67 -0.31
CA ASP A 158 5.50 4.82 0.87
C ASP A 158 6.73 5.23 1.70
N ALA A 159 6.55 5.23 3.02
CA ALA A 159 7.51 5.78 3.96
C ALA A 159 7.87 4.79 5.11
N GLY A 160 7.60 3.49 4.92
CA GLY A 160 7.97 2.50 5.93
C GLY A 160 7.02 2.54 7.12
N HIS A 161 7.61 2.51 8.32
CA HIS A 161 6.87 2.47 9.58
C HIS A 161 7.73 2.98 10.73
N SER A 162 7.09 3.11 11.88
CA SER A 162 7.64 3.77 13.04
C SER A 162 8.84 3.05 13.64
N ARG A 163 9.11 1.82 13.22
CA ARG A 163 10.26 1.08 13.71
C ARG A 163 11.24 0.68 12.62
N TRP A 164 11.25 1.45 11.54
CA TRP A 164 12.15 1.21 10.42
C TRP A 164 13.17 2.36 10.39
N LEU A 165 13.07 3.29 9.44
CA LEU A 165 13.89 4.51 9.52
C LEU A 165 13.32 5.50 10.52
N SER A 166 14.17 6.42 10.96
CA SER A 166 13.75 7.50 11.80
C SER A 166 12.92 8.48 10.99
N ALA A 167 12.15 9.28 11.71
CA ALA A 167 11.30 10.28 11.10
C ALA A 167 12.19 11.26 10.29
N GLU A 168 13.35 11.60 10.85
N GLU A 168 13.34 11.67 10.85
CA GLU A 168 14.30 12.47 10.20
CA GLU A 168 14.30 12.52 10.10
C GLU A 168 14.89 11.86 8.90
C GLU A 168 14.85 11.85 8.84
N ALA A 169 15.25 10.59 8.96
CA ALA A 169 15.85 9.90 7.83
C ALA A 169 14.82 9.68 6.70
N MET A 170 13.60 9.28 7.06
CA MET A 170 12.55 9.10 6.07
C MET A 170 12.11 10.44 5.48
N ALA A 171 11.99 11.49 6.31
CA ALA A 171 11.63 12.80 5.79
C ALA A 171 12.62 13.27 4.75
N ALA A 172 13.90 13.00 4.98
CA ALA A 172 14.95 13.36 4.03
C ALA A 172 14.72 12.69 2.69
N ARG A 173 14.38 11.40 2.72
CA ARG A 173 14.13 10.65 1.49
C ARG A 173 12.86 11.11 0.77
N LEU A 174 11.81 11.39 1.54
CA LEU A 174 10.58 11.95 1.02
C LEU A 174 10.80 13.30 0.35
N ASN A 175 11.59 14.16 0.98
CA ASN A 175 11.93 15.46 0.42
C ASN A 175 12.80 15.28 -0.85
N ASP A 176 13.64 14.26 -0.85
CA ASP A 176 14.46 13.94 -2.03
C ASP A 176 13.54 13.61 -3.22
N VAL A 177 12.38 12.98 -2.96
CA VAL A 177 11.53 12.50 -4.07
C VAL A 177 10.37 13.43 -4.42
N GLY A 178 10.32 14.62 -3.81
CA GLY A 178 9.34 15.66 -4.14
C GLY A 178 7.99 15.38 -3.50
N VAL A 179 8.01 14.91 -2.25
CA VAL A 179 6.80 14.59 -1.52
C VAL A 179 5.84 15.78 -1.51
N GLY A 180 6.39 16.99 -1.64
CA GLY A 180 5.55 18.19 -1.65
C GLY A 180 4.55 18.27 -2.81
N ARG A 181 4.91 17.59 -3.88
CA ARG A 181 4.09 17.59 -5.08
C ARG A 181 2.99 16.54 -5.00
N ALA A 182 3.21 15.54 -4.15
CA ALA A 182 2.25 14.47 -3.86
C ALA A 182 1.33 14.95 -2.75
N ARG A 183 0.35 14.14 -2.37
CA ARG A 183 -0.46 14.42 -1.20
C ARG A 183 0.33 14.13 0.07
N GLY A 184 1.18 13.10 0.03
CA GLY A 184 2.04 12.80 1.15
C GLY A 184 2.59 11.42 1.08
N PHE A 185 2.37 10.68 2.18
CA PHE A 185 3.06 9.39 2.37
C PHE A 185 2.17 8.31 3.01
N SER A 186 2.63 7.06 2.90
CA SER A 186 1.92 5.94 3.53
C SER A 186 2.79 5.27 4.59
N LEU A 187 2.14 4.72 5.61
CA LEU A 187 2.79 4.06 6.74
C LEU A 187 2.18 2.70 7.07
N ASN A 188 3.01 1.82 7.63
CA ASN A 188 2.56 0.53 8.18
C ASN A 188 2.11 -0.48 7.13
N VAL A 189 2.45 -0.25 5.85
CA VAL A 189 1.98 -1.12 4.78
C VAL A 189 2.53 -2.55 4.99
N SER A 190 1.60 -3.49 5.10
CA SER A 190 1.85 -4.90 5.36
C SER A 190 2.51 -5.12 6.71
N ASN A 191 2.47 -4.13 7.58
CA ASN A 191 2.95 -4.34 8.93
C ASN A 191 1.80 -4.30 9.97
N PHE A 192 2.14 -4.23 11.25
CA PHE A 192 1.24 -4.55 12.34
C PHE A 192 1.29 -3.58 13.50
N TYR A 193 2.05 -2.47 13.37
CA TYR A 193 2.18 -1.52 14.50
C TYR A 193 0.86 -0.79 14.77
N THR A 194 0.61 -0.44 16.04
CA THR A 194 -0.64 0.25 16.40
C THR A 194 -0.84 1.54 15.66
N THR A 195 -2.10 1.86 15.42
CA THR A 195 -2.48 3.10 14.79
C THR A 195 -1.92 4.29 15.57
N ASP A 196 -2.00 4.25 16.90
CA ASP A 196 -1.46 5.32 17.76
C ASP A 196 0.02 5.57 17.51
N GLU A 197 0.77 4.49 17.43
CA GLU A 197 2.19 4.60 17.19
C GLU A 197 2.46 5.26 15.85
N GLU A 198 1.68 4.84 14.86
CA GLU A 198 1.92 5.32 13.50
C GLU A 198 1.50 6.77 13.35
N ILE A 199 0.49 7.19 14.11
CA ILE A 199 0.07 8.58 14.10
C ILE A 199 1.19 9.49 14.62
N GLY A 200 1.84 9.11 15.72
CA GLY A 200 2.91 9.92 16.28
C GLY A 200 4.06 10.05 15.31
N TYR A 201 4.40 8.93 14.67
CA TYR A 201 5.45 8.89 13.65
C TYR A 201 5.08 9.73 12.41
N GLY A 202 3.83 9.61 11.96
CA GLY A 202 3.32 10.35 10.81
C GLY A 202 3.29 11.86 11.05
N GLU A 203 2.90 12.27 12.25
CA GLU A 203 2.85 13.68 12.59
C GLU A 203 4.27 14.21 12.64
N ALA A 204 5.22 13.40 13.11
CA ALA A 204 6.63 13.83 13.11
C ALA A 204 7.16 14.00 11.70
N ILE A 205 6.88 13.05 10.82
CA ILE A 205 7.28 13.18 9.41
C ILE A 205 6.59 14.36 8.74
N SER A 206 5.29 14.55 9.01
CA SER A 206 4.53 15.67 8.42
C SER A 206 5.21 17.02 8.75
N GLY A 207 5.66 17.17 9.99
CA GLY A 207 6.35 18.35 10.44
C GLY A 207 7.65 18.62 9.70
N LEU A 208 8.33 17.57 9.29
CA LEU A 208 9.59 17.62 8.53
C LEU A 208 9.44 17.66 7.01
N THR A 209 8.20 17.60 6.55
CA THR A 209 7.85 17.61 5.13
C THR A 209 6.78 18.69 4.81
N ASN A 210 6.90 19.83 5.48
CA ASN A 210 6.05 20.98 5.19
C ASN A 210 4.54 20.69 5.30
N GLY A 211 4.18 19.84 6.29
CA GLY A 211 2.79 19.59 6.63
C GLY A 211 2.13 18.60 5.68
N SER A 212 2.89 17.66 5.13
CA SER A 212 2.30 16.63 4.27
C SER A 212 1.31 15.74 5.03
N HIS A 213 0.41 15.10 4.30
CA HIS A 213 -0.59 14.21 4.90
C HIS A 213 -0.24 12.74 4.69
N TYR A 214 -0.87 11.82 5.43
CA TYR A 214 -0.53 10.43 5.27
C TYR A 214 -1.74 9.52 5.48
N VAL A 215 -1.52 8.27 5.10
CA VAL A 215 -2.47 7.23 5.35
C VAL A 215 -1.75 6.11 6.12
N ILE A 216 -2.51 5.38 6.93
CA ILE A 216 -1.97 4.24 7.69
C ILE A 216 -2.66 2.94 7.27
N ASP A 217 -1.88 1.90 7.02
CA ASP A 217 -2.41 0.59 6.75
C ASP A 217 -2.81 -0.01 8.10
N THR A 218 -4.12 -0.17 8.28
CA THR A 218 -4.72 -0.82 9.45
C THR A 218 -5.27 -2.20 9.15
N SER A 219 -4.85 -2.80 8.05
CA SER A 219 -5.34 -4.12 7.67
C SER A 219 -5.11 -5.22 8.74
N ARG A 220 -3.97 -5.18 9.45
CA ARG A 220 -3.59 -6.27 10.34
C ARG A 220 -3.05 -5.81 11.70
N ASN A 221 -3.43 -4.60 12.14
CA ASN A 221 -2.80 -3.99 13.31
C ASN A 221 -3.71 -3.86 14.52
N GLY A 222 -4.83 -4.58 14.50
CA GLY A 222 -5.79 -4.58 15.60
C GLY A 222 -5.27 -5.04 16.94
N ALA A 223 -4.26 -5.92 16.91
CA ALA A 223 -3.61 -6.42 18.12
C ALA A 223 -2.15 -5.98 18.23
N GLY A 224 -1.75 -4.96 17.47
CA GLY A 224 -0.37 -4.51 17.51
C GLY A 224 0.52 -5.58 16.89
N PRO A 225 1.84 -5.39 17.03
CA PRO A 225 2.83 -6.30 16.44
C PRO A 225 3.12 -7.51 17.33
N ALA A 226 3.61 -8.59 16.70
CA ALA A 226 4.26 -9.67 17.45
C ALA A 226 5.53 -9.18 18.13
N PRO A 227 6.01 -9.88 19.17
CA PRO A 227 7.23 -9.45 19.86
C PRO A 227 8.40 -9.23 18.92
N ASP A 228 9.22 -8.25 19.23
CA ASP A 228 10.28 -7.83 18.34
C ASP A 228 11.25 -8.99 18.11
N ALA A 229 11.42 -9.34 16.86
CA ALA A 229 12.28 -10.45 16.46
C ALA A 229 12.50 -10.33 14.96
N PRO A 230 13.57 -10.90 14.44
CA PRO A 230 13.72 -10.90 12.99
C PRO A 230 12.54 -11.68 12.41
N LEU A 231 12.03 -11.22 11.28
CA LEU A 231 10.91 -11.84 10.57
C LEU A 231 9.58 -11.80 11.34
N ASN A 232 9.47 -10.96 12.37
CA ASN A 232 8.17 -10.84 13.06
C ASN A 232 7.04 -10.23 12.19
N TRP A 233 7.42 -9.65 11.06
CA TRP A 233 6.49 -9.13 10.06
C TRP A 233 6.11 -10.21 9.02
N CYS A 234 6.72 -11.40 9.10
CA CYS A 234 6.59 -12.42 8.04
C CYS A 234 5.58 -13.51 8.47
N ASN A 235 4.33 -13.38 8.03
CA ASN A 235 3.20 -14.23 8.48
C ASN A 235 3.18 -14.52 10.00
N PRO A 236 3.19 -13.47 10.83
CA PRO A 236 3.12 -13.66 12.27
C PRO A 236 1.75 -14.23 12.66
N SER A 237 1.74 -15.03 13.70
CA SER A 237 0.47 -15.52 14.26
C SER A 237 -0.06 -14.52 15.30
N GLY A 238 -1.30 -14.70 15.73
CA GLY A 238 -1.86 -13.87 16.79
C GLY A 238 -2.24 -12.43 16.40
N ARG A 239 -2.18 -12.08 15.12
CA ARG A 239 -2.46 -10.70 14.74
C ARG A 239 -3.94 -10.56 14.43
N ALA A 240 -4.44 -9.33 14.48
CA ALA A 240 -5.86 -9.06 14.24
C ALA A 240 -6.08 -8.01 13.21
N LEU A 241 -7.20 -8.11 12.49
CA LEU A 241 -7.70 -7.01 11.65
C LEU A 241 -7.72 -5.74 12.49
N GLY A 242 -7.36 -4.64 11.85
CA GLY A 242 -7.41 -3.35 12.51
C GLY A 242 -8.61 -2.56 12.03
N ALA A 243 -8.65 -1.28 12.36
CA ALA A 243 -9.79 -0.42 12.04
C ALA A 243 -10.15 -0.52 10.56
N PRO A 244 -11.43 -0.72 10.25
CA PRO A 244 -11.88 -0.65 8.87
C PRO A 244 -11.56 0.70 8.23
N PRO A 245 -11.37 0.71 6.91
CA PRO A 245 -11.00 1.94 6.20
C PRO A 245 -11.94 3.10 6.46
N THR A 246 -11.38 4.26 6.76
CA THR A 246 -12.18 5.44 7.11
C THR A 246 -11.34 6.68 6.99
N THR A 247 -11.98 7.85 6.79
CA THR A 247 -11.33 9.14 6.93
C THR A 247 -11.51 9.76 8.32
N ALA A 248 -12.25 9.06 9.20
CA ALA A 248 -12.44 9.49 10.58
C ALA A 248 -11.27 9.03 11.43
N THR A 249 -10.16 9.72 11.31
CA THR A 249 -8.92 9.36 11.96
C THR A 249 -8.70 10.22 13.22
N ALA A 250 -7.69 9.83 13.98
CA ALA A 250 -7.27 10.52 15.19
C ALA A 250 -5.94 11.26 14.99
N GLY A 251 -5.49 11.42 13.74
CA GLY A 251 -4.29 12.19 13.47
C GLY A 251 -4.58 13.47 12.69
N ALA A 252 -3.92 14.56 13.09
CA ALA A 252 -4.15 15.88 12.50
C ALA A 252 -3.87 15.95 10.98
N HIS A 253 -2.94 15.14 10.50
CA HIS A 253 -2.61 15.06 9.10
C HIS A 253 -2.87 13.66 8.50
N ALA A 254 -3.60 12.81 9.23
CA ALA A 254 -3.97 11.46 8.76
C ALA A 254 -5.25 11.54 7.91
N ASP A 255 -5.09 11.46 6.59
CA ASP A 255 -6.23 11.47 5.66
C ASP A 255 -7.10 10.24 5.80
N ALA A 256 -6.49 9.08 6.11
CA ALA A 256 -7.27 7.85 6.21
C ALA A 256 -6.55 6.72 6.90
N TYR A 257 -7.34 5.80 7.46
CA TYR A 257 -6.90 4.42 7.67
C TYR A 257 -7.34 3.65 6.44
N LEU A 258 -6.42 2.92 5.81
CA LEU A 258 -6.76 2.08 4.64
C LEU A 258 -6.34 0.64 4.89
N TRP A 259 -6.89 -0.30 4.14
CA TRP A 259 -6.34 -1.65 4.09
C TRP A 259 -5.54 -1.71 2.79
N ILE A 260 -4.23 -1.57 2.92
CA ILE A 260 -3.36 -1.53 1.76
C ILE A 260 -2.92 -2.95 1.45
N LYS A 261 -2.19 -3.58 2.37
CA LYS A 261 -2.03 -5.05 2.34
C LYS A 261 -3.41 -5.69 2.38
N ARG A 262 -3.59 -6.82 1.66
CA ARG A 262 -4.84 -7.59 1.68
C ARG A 262 -4.82 -8.74 2.70
N PRO A 263 -5.62 -8.65 3.77
CA PRO A 263 -5.65 -9.68 4.81
C PRO A 263 -5.88 -11.08 4.22
N GLY A 264 -5.05 -12.04 4.60
CA GLY A 264 -5.13 -13.37 4.03
C GLY A 264 -4.03 -13.68 3.01
N GLU A 265 -3.49 -12.64 2.39
CA GLU A 265 -2.46 -12.86 1.42
C GLU A 265 -1.14 -13.05 2.18
N SER A 266 -0.46 -14.17 1.88
CA SER A 266 0.79 -14.52 2.52
C SER A 266 1.84 -13.42 2.34
N ASP A 267 2.71 -13.30 3.34
CA ASP A 267 3.87 -12.43 3.27
C ASP A 267 5.08 -13.07 2.62
N GLY A 268 5.05 -14.39 2.46
CA GLY A 268 6.11 -15.12 1.78
C GLY A 268 6.30 -16.50 2.36
N THR A 269 7.37 -17.18 1.93
CA THR A 269 7.68 -18.45 2.49
C THR A 269 8.09 -18.36 3.97
N CYS A 270 8.76 -17.26 4.31
CA CYS A 270 8.98 -16.85 5.70
C CYS A 270 9.83 -17.85 6.52
N GLY A 271 10.63 -18.67 5.84
CA GLY A 271 11.50 -19.62 6.53
C GLY A 271 10.80 -20.89 6.97
N ARG A 272 9.52 -21.05 6.59
CA ARG A 272 8.69 -22.13 7.07
C ARG A 272 7.95 -22.83 5.93
N GLY A 273 8.36 -22.57 4.69
CA GLY A 273 7.71 -23.21 3.56
C GLY A 273 6.24 -22.79 3.40
N GLU A 274 5.93 -21.57 3.84
CA GLU A 274 4.59 -21.01 3.68
C GLU A 274 4.36 -20.52 2.24
N PRO A 275 3.10 -20.25 1.87
CA PRO A 275 2.85 -19.82 0.49
C PRO A 275 3.63 -18.55 0.07
N GLN A 276 3.96 -18.53 -1.23
CA GLN A 276 4.63 -17.41 -1.90
C GLN A 276 3.90 -16.09 -1.56
N ALA A 277 4.68 -15.02 -1.39
CA ALA A 277 4.15 -13.68 -1.10
C ALA A 277 3.01 -13.31 -2.08
N GLY A 278 1.86 -12.91 -1.52
CA GLY A 278 0.71 -12.54 -2.30
C GLY A 278 -0.37 -13.61 -2.44
N ARG A 279 -0.03 -14.87 -2.24
CA ARG A 279 -1.03 -15.92 -2.42
C ARG A 279 -2.04 -15.90 -1.29
N PHE A 280 -3.33 -15.98 -1.65
CA PHE A 280 -4.37 -15.92 -0.65
C PHE A 280 -4.47 -17.22 0.11
N VAL A 281 -4.52 -17.10 1.43
CA VAL A 281 -4.67 -18.22 2.35
C VAL A 281 -5.92 -17.95 3.18
N SER A 282 -6.98 -18.71 2.92
CA SER A 282 -8.23 -18.48 3.66
C SER A 282 -8.01 -18.57 5.16
N GLN A 283 -7.19 -19.54 5.59
CA GLN A 283 -6.91 -19.68 7.01
C GLN A 283 -6.36 -18.38 7.60
N TYR A 284 -5.47 -17.67 6.89
CA TYR A 284 -4.87 -16.46 7.44
C TYR A 284 -5.91 -15.36 7.59
N ALA A 285 -6.80 -15.25 6.63
CA ALA A 285 -7.87 -14.25 6.71
C ALA A 285 -8.81 -14.57 7.87
N ILE A 286 -9.18 -15.83 7.98
CA ILE A 286 -10.01 -16.30 9.09
C ILE A 286 -9.32 -16.02 10.42
N ASP A 287 -8.03 -16.31 10.54
CA ASP A 287 -7.30 -16.05 11.77
C ASP A 287 -7.33 -14.54 12.15
N LEU A 288 -7.08 -13.67 11.17
CA LEU A 288 -7.06 -12.24 11.42
C LEU A 288 -8.42 -11.75 11.88
N ALA A 289 -9.46 -12.26 11.26
CA ALA A 289 -10.83 -11.90 11.65
C ALA A 289 -11.20 -12.46 13.02
N HIS A 290 -10.87 -13.72 13.23
CA HIS A 290 -11.13 -14.37 14.52
C HIS A 290 -10.44 -13.68 15.67
N ASN A 291 -9.21 -13.22 15.44
CA ASN A 291 -8.46 -12.53 16.47
C ASN A 291 -9.02 -11.13 16.77
N ALA A 292 -9.78 -10.59 15.83
CA ALA A 292 -10.51 -9.34 16.03
C ALA A 292 -11.90 -9.54 16.66
N GLY A 293 -12.21 -10.78 16.99
CA GLY A 293 -13.45 -11.17 17.64
C GLY A 293 -14.59 -11.46 16.68
N GLN A 294 -14.30 -11.55 15.37
CA GLN A 294 -15.32 -11.84 14.34
C GLN A 294 -15.26 -13.30 13.85
#